data_5UIG
#
_entry.id   5UIG
#
_cell.length_a   131.222
_cell.length_b   131.222
_cell.length_c   89.714
_cell.angle_alpha   90.00
_cell.angle_beta   90.00
_cell.angle_gamma   90.00
#
_symmetry.space_group_name_H-M   'P 41 21 2'
#
loop_
_entity.id
_entity.type
_entity.pdbx_description
1 polymer 'Adenosine receptor A2a,Soluble cytochrome b562,Adenosine receptor A2a'
2 non-polymer '{[-(BIS-CARBOXYMETHYL-AMINO)-ETHYL]-CARBOXYMETHYL-AMINO}-ACETIC ACID'
3 non-polymer '2-(N-MORPHOLINO)-ETHANESULFONIC ACID'
4 non-polymer 5-amino-N-[(2-methoxyphenyl)methyl]-2-(3-methylphenyl)-2H-1,2,3-triazole-4-carboximidamide
#
_entity_poly.entity_id   1
_entity_poly.type   'polypeptide(L)'
_entity_poly.pdbx_seq_one_letter_code
;MKTIIALSYIFCLVFADYKDDDDAAAMPIMGSSVYITVELAIAVLAILGNVLVCWAVWLNSNLQNVTNYFVVSLAAADIA
VGVLAIPFAITISTGFCAACHGCLFIACFVLVLTQSSIFSLLAIAIDRYIAIRIPLRYNGLVTGTRAKGIIAICWVLSFA
IGLTPMLGWNNCGQPKEGKNHSQGCGEGQVACLFEDVVPMNYMVYFNFFACVLVPLLLMLGVYLRIFLAARRQLADLEDN
WETLNDNLKVIEKADNAAQVKDALTKMRAAALDAQKATPPKLEDKSPDSPEMKDFRHGFDILVGQIDDALKLANEGKVKE
AQAAAEQLKTTRNAYIQKYLERARSTLQKEVHAAKSLAIIVGLFALCWLPLHIINCFTFFCPDCSHAPLWLMYLAIVLSH
TNSVVNPFIYAYRIREFRQTFRKIIRSHVLRQQEPFKAHHHHHH
;
_entity_poly.pdbx_strand_id   A
#
loop_
_chem_comp.id
_chem_comp.type
_chem_comp.name
_chem_comp.formula
8D1 non-polymer 5-amino-N-[(2-methoxyphenyl)methyl]-2-(3-methylphenyl)-2H-1,2,3-triazole-4-carboximidamide 'C18 H20 N6 O'
EDT non-polymer '{[-(BIS-CARBOXYMETHYL-AMINO)-ETHYL]-CARBOXYMETHYL-AMINO}-ACETIC ACID' 'C10 H16 N2 O8'
MES non-polymer '2-(N-MORPHOLINO)-ETHANESULFONIC ACID' 'C6 H13 N O4 S'
#
# COMPACT_ATOMS: atom_id res chain seq x y z
N MET A 30 -25.31 23.51 18.32
CA MET A 30 -25.45 22.22 18.99
C MET A 30 -24.44 21.22 18.47
N GLY A 31 -23.80 20.48 19.37
CA GLY A 31 -22.81 19.50 18.97
C GLY A 31 -23.43 18.26 18.34
N SER A 32 -24.62 17.87 18.82
CA SER A 32 -25.24 16.65 18.31
C SER A 32 -25.54 16.75 16.82
N SER A 33 -25.92 17.95 16.36
CA SER A 33 -26.19 18.14 14.93
C SER A 33 -24.91 18.03 14.12
N VAL A 34 -23.82 18.63 14.59
CA VAL A 34 -22.54 18.52 13.89
C VAL A 34 -22.13 17.07 13.75
N TYR A 35 -22.43 16.25 14.76
CA TYR A 35 -22.16 14.82 14.67
C TYR A 35 -22.95 14.19 13.53
N ILE A 36 -24.29 14.22 13.63
CA ILE A 36 -25.12 13.61 12.60
C ILE A 36 -24.87 14.29 11.25
N THR A 37 -24.56 15.59 11.26
CA THR A 37 -24.18 16.26 10.01
C THR A 37 -22.94 15.61 9.41
N VAL A 38 -21.89 15.46 10.22
CA VAL A 38 -20.66 14.85 9.73
C VAL A 38 -20.87 13.37 9.44
N GLU A 39 -21.55 12.65 10.34
CA GLU A 39 -21.80 11.23 10.13
C GLU A 39 -22.44 10.98 8.77
N LEU A 40 -23.48 11.76 8.44
CA LEU A 40 -24.11 11.63 7.13
C LEU A 40 -23.18 12.11 6.02
N ALA A 41 -22.47 13.21 6.25
CA ALA A 41 -21.52 13.71 5.25
C ALA A 41 -20.51 12.62 4.88
N ILE A 42 -19.87 12.03 5.89
CA ILE A 42 -18.92 10.95 5.64
C ILE A 42 -19.60 9.82 4.86
N ALA A 43 -20.79 9.41 5.32
CA ALA A 43 -21.50 8.32 4.67
C ALA A 43 -21.69 8.59 3.18
N VAL A 44 -21.91 9.85 2.81
CA VAL A 44 -22.06 10.19 1.40
C VAL A 44 -20.77 9.94 0.65
N LEU A 45 -19.66 10.50 1.15
CA LEU A 45 -18.39 10.33 0.47
C LEU A 45 -17.97 8.86 0.42
N ALA A 46 -18.09 8.16 1.56
CA ALA A 46 -17.74 6.76 1.58
C ALA A 46 -18.47 5.96 0.51
N ILE A 47 -19.71 6.37 0.20
CA ILE A 47 -20.48 5.68 -0.85
C ILE A 47 -20.06 6.18 -2.22
N LEU A 48 -20.12 7.50 -2.43
CA LEU A 48 -19.80 8.06 -3.74
C LEU A 48 -18.34 7.79 -4.12
N GLY A 49 -17.42 8.01 -3.19
CA GLY A 49 -16.02 7.80 -3.46
C GLY A 49 -15.71 6.39 -3.92
N ASN A 50 -16.07 5.41 -3.10
CA ASN A 50 -15.75 4.02 -3.41
C ASN A 50 -16.55 3.51 -4.60
N VAL A 51 -17.79 3.98 -4.78
CA VAL A 51 -18.56 3.56 -5.95
C VAL A 51 -17.88 4.02 -7.22
N LEU A 52 -17.26 5.20 -7.20
CA LEU A 52 -16.47 5.65 -8.34
C LEU A 52 -15.33 4.70 -8.62
N VAL A 53 -14.62 4.26 -7.57
CA VAL A 53 -13.54 3.29 -7.74
C VAL A 53 -14.06 2.07 -8.50
N CYS A 54 -15.22 1.56 -8.11
CA CYS A 54 -15.75 0.36 -8.73
C CYS A 54 -16.10 0.60 -10.20
N TRP A 55 -16.62 1.77 -10.52
CA TRP A 55 -16.87 2.10 -11.93
C TRP A 55 -15.57 2.11 -12.71
N ALA A 56 -14.57 2.87 -12.23
CA ALA A 56 -13.27 2.87 -12.89
C ALA A 56 -12.70 1.45 -12.97
N VAL A 57 -12.77 0.71 -11.88
CA VAL A 57 -12.27 -0.67 -11.87
C VAL A 57 -13.02 -1.52 -12.88
N TRP A 58 -14.26 -1.17 -13.19
CA TRP A 58 -15.09 -1.97 -14.08
C TRP A 58 -15.22 -1.36 -15.47
N LEU A 59 -15.54 -0.07 -15.56
CA LEU A 59 -15.63 0.58 -16.86
C LEU A 59 -14.27 0.63 -17.55
N ASN A 60 -13.26 1.13 -16.85
CA ASN A 60 -11.91 1.20 -17.40
C ASN A 60 -11.33 -0.20 -17.52
N SER A 61 -10.86 -0.55 -18.71
CA SER A 61 -10.28 -1.87 -18.93
C SER A 61 -8.91 -1.99 -18.30
N ASN A 62 -8.14 -0.89 -18.28
CA ASN A 62 -6.77 -0.95 -17.76
C ASN A 62 -6.76 -1.23 -16.26
N LEU A 63 -7.67 -0.60 -15.51
CA LEU A 63 -7.76 -0.79 -14.07
C LEU A 63 -8.31 -2.14 -13.68
N GLN A 64 -8.45 -3.10 -14.60
CA GLN A 64 -9.04 -4.39 -14.31
C GLN A 64 -8.00 -5.44 -13.90
N ASN A 65 -6.86 -5.01 -13.37
CA ASN A 65 -5.88 -5.97 -12.87
C ASN A 65 -6.37 -6.58 -11.56
N VAL A 66 -5.87 -7.80 -11.28
CA VAL A 66 -6.36 -8.55 -10.13
C VAL A 66 -6.11 -7.79 -8.83
N THR A 67 -5.03 -7.02 -8.75
CA THR A 67 -4.77 -6.24 -7.55
C THR A 67 -5.94 -5.33 -7.21
N ASN A 68 -6.71 -4.93 -8.21
CA ASN A 68 -7.89 -4.10 -7.97
C ASN A 68 -9.10 -4.93 -7.56
N TYR A 69 -9.13 -6.22 -7.87
CA TYR A 69 -10.14 -7.10 -7.30
C TYR A 69 -10.26 -6.87 -5.80
N PHE A 70 -9.13 -6.85 -5.10
CA PHE A 70 -9.14 -6.56 -3.67
C PHE A 70 -9.47 -5.10 -3.40
N VAL A 71 -9.01 -4.19 -4.25
CA VAL A 71 -9.37 -2.79 -4.11
C VAL A 71 -10.90 -2.64 -4.09
N VAL A 72 -11.60 -3.51 -4.81
CA VAL A 72 -13.06 -3.47 -4.81
C VAL A 72 -13.60 -4.00 -3.49
N SER A 73 -13.06 -5.14 -3.02
CA SER A 73 -13.47 -5.67 -1.72
C SER A 73 -13.32 -4.62 -0.64
N LEU A 74 -12.24 -3.84 -0.70
CA LEU A 74 -12.05 -2.75 0.27
C LEU A 74 -13.11 -1.67 0.08
N ALA A 75 -13.30 -1.22 -1.17
CA ALA A 75 -14.31 -0.21 -1.44
C ALA A 75 -15.72 -0.73 -1.17
N ALA A 76 -15.95 -2.03 -1.40
CA ALA A 76 -17.25 -2.60 -1.07
C ALA A 76 -17.50 -2.56 0.43
N ALA A 77 -16.50 -2.90 1.24
CA ALA A 77 -16.62 -2.76 2.68
C ALA A 77 -16.75 -1.29 3.08
N ASP A 78 -16.02 -0.41 2.39
CA ASP A 78 -16.15 1.03 2.66
C ASP A 78 -17.54 1.54 2.29
N ILE A 79 -18.16 0.96 1.26
CA ILE A 79 -19.52 1.36 0.89
C ILE A 79 -20.50 0.90 1.95
N ALA A 80 -20.38 -0.36 2.38
CA ALA A 80 -21.26 -0.88 3.42
C ALA A 80 -21.19 -0.02 4.68
N VAL A 81 -19.99 0.49 5.00
CA VAL A 81 -19.84 1.32 6.19
C VAL A 81 -20.58 2.65 6.00
N GLY A 82 -20.47 3.25 4.82
CA GLY A 82 -21.16 4.50 4.56
C GLY A 82 -22.66 4.36 4.51
N VAL A 83 -23.16 3.16 4.22
CA VAL A 83 -24.60 2.94 4.11
C VAL A 83 -25.17 2.50 5.45
N LEU A 84 -24.72 1.34 5.93
CA LEU A 84 -25.31 0.72 7.12
C LEU A 84 -24.58 1.08 8.40
N ALA A 85 -23.25 0.95 8.41
CA ALA A 85 -22.49 1.13 9.64
C ALA A 85 -22.75 2.49 10.27
N ILE A 86 -22.61 3.56 9.49
CA ILE A 86 -22.79 4.91 10.04
C ILE A 86 -24.15 5.06 10.70
N PRO A 87 -25.27 4.81 10.04
CA PRO A 87 -26.56 4.86 10.75
C PRO A 87 -26.59 3.97 11.99
N PHE A 88 -26.09 2.74 11.88
CA PHE A 88 -26.00 1.89 13.05
C PHE A 88 -25.22 2.56 14.18
N ALA A 89 -24.19 3.32 13.83
CA ALA A 89 -23.40 4.02 14.85
C ALA A 89 -24.20 5.16 15.47
N ILE A 90 -24.91 5.93 14.66
CA ILE A 90 -25.69 7.05 15.19
C ILE A 90 -26.73 6.55 16.18
N THR A 91 -27.30 5.37 15.92
CA THR A 91 -28.35 4.85 16.80
C THR A 91 -27.77 4.34 18.11
N ILE A 92 -26.76 3.46 18.04
CA ILE A 92 -26.11 2.97 19.25
C ILE A 92 -25.31 4.05 19.96
N SER A 93 -25.05 5.17 19.27
CA SER A 93 -24.38 6.31 19.90
C SER A 93 -25.07 6.68 21.21
N THR A 94 -26.40 6.56 21.25
CA THR A 94 -27.16 6.92 22.43
C THR A 94 -27.88 5.73 23.06
N GLY A 95 -27.78 4.54 22.47
CA GLY A 95 -28.44 3.37 22.99
C GLY A 95 -29.85 3.19 22.45
N PHE A 96 -30.44 2.05 22.78
CA PHE A 96 -31.78 1.71 22.33
C PHE A 96 -32.15 0.34 22.88
N CYS A 97 -33.46 0.08 22.97
CA CYS A 97 -33.98 -1.17 23.49
C CYS A 97 -34.13 -2.17 22.35
N ALA A 98 -33.50 -3.33 22.49
CA ALA A 98 -33.60 -4.39 21.49
C ALA A 98 -33.10 -5.69 22.12
N ALA A 99 -33.32 -6.78 21.40
CA ALA A 99 -32.87 -8.08 21.88
C ALA A 99 -31.36 -8.19 21.84
N CYS A 100 -30.81 -9.00 22.75
CA CYS A 100 -29.36 -9.18 22.79
C CYS A 100 -28.86 -9.84 21.52
N HIS A 101 -29.62 -10.80 20.99
CA HIS A 101 -29.25 -11.47 19.74
C HIS A 101 -29.54 -10.61 18.51
N GLY A 102 -30.12 -9.43 18.69
CA GLY A 102 -30.41 -8.57 17.56
C GLY A 102 -29.62 -7.27 17.58
N CYS A 103 -29.48 -6.69 18.77
CA CYS A 103 -28.71 -5.45 18.91
C CYS A 103 -27.23 -5.65 18.66
N LEU A 104 -26.74 -6.89 18.76
CA LEU A 104 -25.34 -7.16 18.43
C LEU A 104 -25.04 -6.89 16.96
N PHE A 105 -26.06 -6.92 16.10
CA PHE A 105 -25.84 -6.63 14.69
C PHE A 105 -25.48 -5.17 14.49
N ILE A 106 -26.28 -4.25 15.05
CA ILE A 106 -26.00 -2.83 14.91
C ILE A 106 -24.62 -2.50 15.44
N ALA A 107 -24.29 -3.01 16.63
CA ALA A 107 -23.03 -2.65 17.27
C ALA A 107 -21.84 -3.37 16.61
N CYS A 108 -22.03 -4.64 16.25
CA CYS A 108 -20.93 -5.47 15.78
C CYS A 108 -21.03 -5.79 14.28
N PHE A 109 -21.64 -4.90 13.50
CA PHE A 109 -21.59 -5.05 12.04
C PHE A 109 -20.38 -4.34 11.45
N VAL A 110 -20.11 -3.11 11.87
CA VAL A 110 -18.89 -2.42 11.48
C VAL A 110 -17.67 -3.26 11.80
N LEU A 111 -17.76 -4.17 12.77
CA LEU A 111 -16.65 -5.08 13.02
C LEU A 111 -16.34 -5.93 11.80
N VAL A 112 -17.38 -6.47 11.17
CA VAL A 112 -17.17 -7.30 9.97
C VAL A 112 -16.54 -6.48 8.87
N LEU A 113 -17.07 -5.28 8.63
CA LEU A 113 -16.49 -4.42 7.59
C LEU A 113 -15.05 -4.07 7.89
N THR A 114 -14.70 -3.95 9.17
CA THR A 114 -13.31 -3.67 9.53
C THR A 114 -12.41 -4.85 9.23
N GLN A 115 -12.77 -6.03 9.74
CA GLN A 115 -11.98 -7.22 9.46
C GLN A 115 -11.90 -7.49 7.96
N SER A 116 -12.97 -7.20 7.22
CA SER A 116 -12.92 -7.33 5.77
C SER A 116 -11.89 -6.39 5.17
N SER A 117 -11.83 -5.15 5.67
CA SER A 117 -10.79 -4.23 5.24
C SER A 117 -9.41 -4.78 5.58
N ILE A 118 -9.23 -5.22 6.83
CA ILE A 118 -7.95 -5.80 7.24
C ILE A 118 -7.62 -7.03 6.41
N PHE A 119 -8.64 -7.70 5.88
CA PHE A 119 -8.39 -8.83 4.98
C PHE A 119 -8.07 -8.34 3.56
N SER A 120 -8.72 -7.27 3.12
CA SER A 120 -8.45 -6.74 1.78
C SER A 120 -7.06 -6.12 1.71
N LEU A 121 -6.73 -5.24 2.66
CA LEU A 121 -5.38 -4.69 2.71
C LEU A 121 -4.35 -5.79 2.85
N LEU A 122 -4.65 -6.81 3.66
CA LEU A 122 -3.75 -7.95 3.81
C LEU A 122 -3.46 -8.59 2.47
N ALA A 123 -4.50 -8.75 1.63
CA ALA A 123 -4.30 -9.37 0.33
C ALA A 123 -3.47 -8.49 -0.59
N ILE A 124 -3.83 -7.20 -0.70
CA ILE A 124 -3.07 -6.30 -1.55
C ILE A 124 -1.61 -6.25 -1.11
N ALA A 125 -1.37 -6.24 0.21
CA ALA A 125 0.00 -6.28 0.71
C ALA A 125 0.69 -7.58 0.30
N ILE A 126 -0.05 -8.69 0.35
CA ILE A 126 0.51 -9.97 -0.09
C ILE A 126 0.60 -10.01 -1.61
N ASP A 127 -0.40 -9.47 -2.30
CA ASP A 127 -0.38 -9.49 -3.76
C ASP A 127 0.77 -8.67 -4.31
N ARG A 128 1.12 -7.57 -3.63
CA ARG A 128 2.21 -6.72 -4.10
C ARG A 128 3.57 -7.30 -3.73
N TYR A 129 3.68 -8.01 -2.61
CA TYR A 129 4.95 -8.62 -2.24
C TYR A 129 5.28 -9.79 -3.15
N ILE A 130 4.31 -10.67 -3.41
CA ILE A 130 4.50 -11.79 -4.31
C ILE A 130 4.89 -11.35 -5.72
N ALA A 131 4.79 -10.05 -6.01
CA ALA A 131 5.18 -9.52 -7.30
C ALA A 131 6.48 -8.72 -7.27
N ILE A 132 6.92 -8.26 -6.11
CA ILE A 132 8.16 -7.51 -6.01
C ILE A 132 9.35 -8.46 -5.91
N ARG A 133 9.26 -9.44 -5.01
CA ARG A 133 10.36 -10.37 -4.78
C ARG A 133 10.29 -11.62 -5.64
N ILE A 134 9.14 -11.93 -6.23
CA ILE A 134 9.00 -13.11 -7.07
C ILE A 134 8.21 -12.75 -8.32
N PRO A 135 8.71 -11.86 -9.17
CA PRO A 135 7.95 -11.46 -10.37
C PRO A 135 7.84 -12.58 -11.39
N LEU A 136 8.44 -13.72 -11.09
CA LEU A 136 8.45 -14.86 -12.02
C LEU A 136 7.19 -15.72 -11.82
N ARG A 137 7.11 -16.42 -10.69
CA ARG A 137 5.97 -17.29 -10.39
C ARG A 137 4.83 -16.47 -9.81
N TYR A 138 4.19 -15.70 -10.69
CA TYR A 138 3.05 -14.86 -10.31
C TYR A 138 1.82 -15.15 -11.16
N ASN A 139 1.87 -14.90 -12.47
CA ASN A 139 0.71 -15.19 -13.32
C ASN A 139 0.31 -16.65 -13.25
N GLY A 140 1.20 -17.53 -12.81
CA GLY A 140 0.84 -18.92 -12.57
C GLY A 140 0.55 -19.17 -11.11
N LEU A 141 0.82 -18.16 -10.28
CA LEU A 141 0.60 -18.24 -8.83
C LEU A 141 -0.67 -17.52 -8.38
N VAL A 142 -1.01 -16.41 -9.00
CA VAL A 142 -2.17 -15.61 -8.62
C VAL A 142 -3.10 -15.57 -9.83
N THR A 143 -4.00 -16.54 -9.92
CA THR A 143 -4.99 -16.57 -10.98
C THR A 143 -6.23 -15.78 -10.58
N GLY A 144 -7.09 -15.53 -11.56
CA GLY A 144 -8.32 -14.81 -11.28
C GLY A 144 -9.28 -15.58 -10.40
N THR A 145 -9.22 -16.91 -10.46
CA THR A 145 -10.14 -17.75 -9.68
C THR A 145 -9.71 -17.84 -8.23
N ARG A 146 -8.45 -18.20 -7.97
CA ARG A 146 -7.96 -18.26 -6.60
C ARG A 146 -8.19 -16.94 -5.87
N ALA A 147 -8.08 -15.82 -6.58
CA ALA A 147 -8.34 -14.53 -5.96
C ALA A 147 -9.80 -14.40 -5.55
N LYS A 148 -10.72 -14.75 -6.45
CA LYS A 148 -12.14 -14.66 -6.13
C LYS A 148 -12.49 -15.51 -4.91
N GLY A 149 -11.82 -16.65 -4.75
CA GLY A 149 -12.06 -17.47 -3.58
C GLY A 149 -11.47 -16.88 -2.32
N ILE A 150 -10.31 -16.22 -2.43
CA ILE A 150 -9.68 -15.62 -1.28
C ILE A 150 -10.57 -14.54 -0.66
N ILE A 151 -11.27 -13.78 -1.51
CA ILE A 151 -12.10 -12.68 -1.02
C ILE A 151 -13.30 -13.23 -0.25
N ALA A 152 -14.06 -14.13 -0.88
CA ALA A 152 -15.25 -14.67 -0.23
C ALA A 152 -14.89 -15.35 1.09
N ILE A 153 -13.83 -16.15 1.09
CA ILE A 153 -13.41 -16.84 2.32
C ILE A 153 -13.13 -15.86 3.44
N CYS A 154 -12.85 -14.59 3.11
CA CYS A 154 -12.63 -13.59 4.15
C CYS A 154 -13.96 -13.01 4.65
N TRP A 155 -14.86 -12.68 3.73
CA TRP A 155 -16.15 -12.14 4.14
C TRP A 155 -16.90 -13.12 5.04
N VAL A 156 -16.91 -14.40 4.65
CA VAL A 156 -17.50 -15.40 5.54
C VAL A 156 -16.65 -15.56 6.79
N LEU A 157 -15.34 -15.34 6.69
CA LEU A 157 -14.49 -15.31 7.86
C LEU A 157 -14.54 -13.97 8.58
N SER A 158 -14.86 -12.88 7.87
CA SER A 158 -15.10 -11.61 8.52
C SER A 158 -16.44 -11.63 9.24
N PHE A 159 -17.49 -12.13 8.58
CA PHE A 159 -18.75 -12.36 9.25
C PHE A 159 -18.54 -13.20 10.51
N ALA A 160 -17.63 -14.17 10.45
CA ALA A 160 -17.32 -14.98 11.63
C ALA A 160 -16.55 -14.17 12.65
N ILE A 161 -15.48 -13.50 12.22
CA ILE A 161 -14.68 -12.70 13.15
C ILE A 161 -15.43 -11.45 13.56
N GLY A 162 -16.05 -10.77 12.61
CA GLY A 162 -16.81 -9.57 12.92
C GLY A 162 -17.96 -9.83 13.86
N LEU A 163 -18.91 -10.65 13.42
CA LEU A 163 -20.09 -11.00 14.24
C LEU A 163 -19.78 -12.15 15.18
N THR A 164 -18.64 -12.08 15.86
CA THR A 164 -18.28 -13.14 16.81
C THR A 164 -19.12 -13.10 18.08
N PRO A 165 -19.31 -11.93 18.73
CA PRO A 165 -20.05 -11.92 20.00
C PRO A 165 -21.44 -12.53 19.93
N MET A 166 -22.00 -12.63 18.72
CA MET A 166 -23.34 -13.20 18.58
C MET A 166 -23.36 -14.71 18.73
N LEU A 167 -22.21 -15.37 18.67
CA LEU A 167 -22.17 -16.82 18.89
C LEU A 167 -22.43 -17.19 20.34
N GLY A 168 -22.23 -16.26 21.26
CA GLY A 168 -22.46 -16.53 22.68
C GLY A 168 -21.40 -15.96 23.58
N TRP A 169 -20.80 -14.83 23.17
CA TRP A 169 -19.74 -14.17 23.93
C TRP A 169 -20.12 -12.69 24.02
N ASN A 170 -20.91 -12.34 25.04
CA ASN A 170 -21.40 -10.98 25.18
C ASN A 170 -21.63 -10.69 26.66
N ASN A 171 -21.89 -9.42 26.95
CA ASN A 171 -22.11 -8.93 28.31
C ASN A 171 -23.49 -8.29 28.45
N CYS A 172 -24.49 -8.84 27.77
CA CYS A 172 -25.84 -8.30 27.84
C CYS A 172 -26.62 -8.83 29.02
N GLY A 173 -25.97 -9.47 29.99
CA GLY A 173 -26.63 -9.93 31.18
C GLY A 173 -26.86 -8.82 32.20
N GLN A 174 -25.81 -8.05 32.47
CA GLN A 174 -25.91 -6.93 33.41
C GLN A 174 -25.43 -5.63 32.76
N CYS A 185 -36.32 -1.45 29.60
CA CYS A 185 -36.76 -1.89 28.28
C CYS A 185 -37.90 -2.90 28.39
N GLY A 186 -38.41 -3.32 27.23
CA GLY A 186 -39.55 -4.22 27.19
C GLY A 186 -39.19 -5.62 27.67
N GLU A 187 -40.12 -6.53 27.43
CA GLU A 187 -39.95 -7.93 27.82
C GLU A 187 -39.05 -8.63 26.82
N GLY A 188 -37.88 -9.08 27.28
CA GLY A 188 -36.92 -9.75 26.45
C GLY A 188 -35.90 -8.85 25.78
N GLN A 189 -36.03 -7.54 25.92
CA GLN A 189 -35.10 -6.58 25.33
C GLN A 189 -34.10 -6.10 26.37
N VAL A 190 -32.88 -5.84 25.91
CA VAL A 190 -31.79 -5.38 26.76
C VAL A 190 -31.30 -4.03 26.25
N ALA A 191 -30.78 -3.23 27.17
CA ALA A 191 -30.26 -1.90 26.84
C ALA A 191 -28.99 -2.05 26.00
N CYS A 192 -29.06 -1.62 24.74
CA CYS A 192 -27.95 -1.73 23.82
C CYS A 192 -27.09 -0.47 23.91
N LEU A 193 -25.86 -0.61 24.41
N LEU A 193 -25.84 -0.63 24.37
CA LEU A 193 -24.98 0.53 24.59
CA LEU A 193 -24.92 0.50 24.51
C LEU A 193 -23.58 0.17 24.10
C LEU A 193 -23.49 0.13 24.14
N PHE A 194 -22.70 1.17 24.11
N PHE A 194 -23.27 -1.03 23.54
CA PHE A 194 -21.37 0.98 23.54
CA PHE A 194 -21.94 -1.50 23.15
C PHE A 194 -20.64 -0.20 24.18
C PHE A 194 -21.11 -1.88 24.38
N GLU A 195 -20.42 -0.14 25.49
N GLU A 195 -20.43 -0.90 24.98
CA GLU A 195 -19.59 -1.11 26.18
CA GLU A 195 -19.60 -1.17 26.13
C GLU A 195 -20.34 -1.92 27.23
C GLU A 195 -20.35 -1.92 27.23
N ASP A 196 -21.67 -1.81 27.25
CA ASP A 196 -22.49 -2.60 28.16
C ASP A 196 -22.86 -3.96 27.58
N VAL A 197 -22.57 -4.20 26.30
CA VAL A 197 -22.90 -5.45 25.62
C VAL A 197 -21.65 -6.12 25.07
N VAL A 198 -20.82 -5.38 24.36
CA VAL A 198 -19.63 -5.94 23.73
C VAL A 198 -18.56 -6.19 24.79
N PRO A 199 -18.04 -7.41 24.91
CA PRO A 199 -16.98 -7.67 25.88
C PRO A 199 -15.73 -6.86 25.56
N MET A 200 -15.29 -6.05 26.53
CA MET A 200 -14.11 -5.23 26.32
C MET A 200 -12.85 -6.08 26.14
N ASN A 201 -12.89 -7.35 26.55
CA ASN A 201 -11.76 -8.25 26.34
C ASN A 201 -11.75 -8.85 24.95
N TYR A 202 -12.87 -8.78 24.22
CA TYR A 202 -12.90 -9.22 22.84
C TYR A 202 -12.39 -8.16 21.88
N MET A 203 -12.62 -6.88 22.21
CA MET A 203 -12.14 -5.78 21.37
C MET A 203 -10.65 -5.55 21.49
N VAL A 204 -10.02 -6.02 22.56
CA VAL A 204 -8.60 -5.77 22.84
C VAL A 204 -7.76 -7.00 22.54
N TYR A 205 -7.99 -8.10 23.27
CA TYR A 205 -7.15 -9.28 23.11
C TYR A 205 -7.29 -9.88 21.71
N PHE A 206 -8.53 -10.09 21.26
CA PHE A 206 -8.77 -10.80 19.99
C PHE A 206 -8.87 -9.83 18.82
N ASN A 207 -9.92 -9.03 18.77
CA ASN A 207 -10.17 -8.17 17.61
C ASN A 207 -8.95 -7.29 17.32
N PHE A 208 -8.48 -6.56 18.33
CA PHE A 208 -7.38 -5.62 18.10
C PHE A 208 -6.05 -6.35 17.95
N PHE A 209 -5.62 -7.05 19.01
CA PHE A 209 -4.30 -7.67 19.00
C PHE A 209 -4.16 -8.68 17.86
N ALA A 210 -4.95 -9.75 17.89
CA ALA A 210 -4.77 -10.83 16.93
C ALA A 210 -5.25 -10.42 15.54
N CYS A 211 -6.49 -9.98 15.42
CA CYS A 211 -7.10 -9.74 14.12
C CYS A 211 -6.71 -8.41 13.49
N VAL A 212 -6.12 -7.49 14.25
CA VAL A 212 -5.82 -6.16 13.72
C VAL A 212 -4.36 -5.80 13.96
N LEU A 213 -3.96 -5.79 15.23
CA LEU A 213 -2.62 -5.30 15.57
C LEU A 213 -1.54 -6.15 14.91
N VAL A 214 -1.67 -7.46 14.97
CA VAL A 214 -0.73 -8.36 14.32
C VAL A 214 -0.67 -8.01 12.84
N PRO A 215 -1.79 -8.06 12.11
CA PRO A 215 -1.73 -7.75 10.67
C PRO A 215 -1.28 -6.33 10.37
N LEU A 216 -1.72 -5.35 11.17
CA LEU A 216 -1.34 -3.96 10.91
C LEU A 216 0.17 -3.78 10.95
N LEU A 217 0.79 -4.19 12.05
CA LEU A 217 2.25 -4.12 12.13
C LEU A 217 2.89 -4.96 11.04
N LEU A 218 2.30 -6.12 10.73
CA LEU A 218 2.87 -7.03 9.75
C LEU A 218 3.08 -6.35 8.39
N MET A 219 2.20 -5.42 8.03
CA MET A 219 2.24 -4.83 6.69
C MET A 219 3.14 -3.61 6.61
N LEU A 220 3.07 -2.70 7.59
CA LEU A 220 3.91 -1.50 7.54
C LEU A 220 5.38 -1.85 7.64
N GLY A 221 5.75 -2.71 8.59
CA GLY A 221 7.15 -3.07 8.75
C GLY A 221 7.76 -3.63 7.48
N VAL A 222 6.95 -4.29 6.64
CA VAL A 222 7.46 -4.85 5.40
C VAL A 222 7.57 -3.78 4.32
N TYR A 223 6.50 -3.02 4.11
CA TYR A 223 6.46 -2.08 3.00
C TYR A 223 7.18 -0.77 3.29
N LEU A 224 7.31 -0.39 4.56
CA LEU A 224 8.17 0.75 4.89
C LEU A 224 9.64 0.42 4.63
N ARG A 225 10.04 -0.82 4.86
CA ARG A 225 11.38 -1.26 4.45
C ARG A 225 11.48 -1.34 2.93
N ILE A 226 10.54 -2.06 2.30
CA ILE A 226 10.53 -2.15 0.85
C ILE A 226 10.50 -0.76 0.23
N PHE A 227 9.65 0.12 0.77
CA PHE A 227 9.61 1.49 0.28
C PHE A 227 10.89 2.24 0.63
N LEU A 228 11.52 1.91 1.76
CA LEU A 228 12.76 2.57 2.13
C LEU A 228 13.95 1.96 1.39
N ALA A 229 14.11 0.64 1.45
CA ALA A 229 15.19 -0.01 0.73
C ALA A 229 15.13 0.34 -0.75
N ALA A 230 13.93 0.27 -1.34
CA ALA A 230 13.78 0.66 -2.74
C ALA A 230 14.09 2.14 -2.93
N ARG A 231 13.57 2.99 -2.05
CA ARG A 231 13.84 4.43 -2.13
C ARG A 231 15.33 4.68 -2.20
N ARG A 232 16.09 4.11 -1.26
CA ARG A 232 17.53 4.31 -1.26
C ARG A 232 18.19 3.64 -2.46
N GLN A 233 17.77 2.40 -2.78
CA GLN A 233 18.40 1.68 -3.88
C GLN A 233 18.23 2.42 -5.21
N LEU A 234 17.04 2.97 -5.45
CA LEU A 234 16.82 3.70 -6.69
C LEU A 234 17.71 4.95 -6.76
N ALA A 235 17.91 5.61 -5.62
CA ALA A 235 18.77 6.80 -5.61
C ALA A 235 20.21 6.44 -5.94
N ASP A 236 20.70 5.33 -5.40
CA ASP A 236 22.08 4.92 -5.69
C ASP A 236 22.25 4.57 -7.16
N LEU A 237 21.30 3.82 -7.72
CA LEU A 237 21.41 3.40 -9.11
C LEU A 237 21.50 4.60 -10.04
N GLU A 238 20.77 5.67 -9.74
CA GLU A 238 20.81 6.85 -10.59
C GLU A 238 22.13 7.61 -10.43
N ASP A 239 22.59 7.77 -9.19
CA ASP A 239 23.88 8.42 -8.97
C ASP A 239 25.00 7.74 -9.73
N ASN A 240 24.92 6.42 -9.89
CA ASN A 240 25.92 5.69 -10.66
C ASN A 240 25.75 5.91 -12.15
N TRP A 241 24.51 5.74 -12.66
CA TRP A 241 24.25 6.02 -14.06
C TRP A 241 24.64 7.45 -14.41
N GLU A 242 24.36 8.39 -13.51
CA GLU A 242 24.72 9.79 -13.76
C GLU A 242 26.21 10.04 -13.60
N THR A 243 26.85 9.36 -12.65
CA THR A 243 28.26 9.61 -12.40
C THR A 243 29.14 9.12 -13.55
N LEU A 244 28.79 7.96 -14.13
CA LEU A 244 29.53 7.49 -15.30
C LEU A 244 29.05 8.17 -16.57
N ASN A 245 27.77 8.56 -16.63
CA ASN A 245 27.29 9.35 -17.76
C ASN A 245 27.91 10.74 -17.74
N ASP A 246 28.11 11.31 -16.55
CA ASP A 246 28.75 12.62 -16.44
C ASP A 246 30.25 12.52 -16.69
N ASN A 247 30.92 11.57 -16.02
CA ASN A 247 32.36 11.43 -16.17
C ASN A 247 32.75 11.00 -17.58
N LEU A 248 31.82 10.42 -18.35
CA LEU A 248 32.12 10.13 -19.75
C LEU A 248 32.28 11.41 -20.55
N LYS A 249 31.60 12.49 -20.14
CA LYS A 249 31.73 13.77 -20.82
C LYS A 249 33.01 14.49 -20.42
N VAL A 250 33.37 14.43 -19.13
CA VAL A 250 34.59 15.09 -18.66
C VAL A 250 35.83 14.51 -19.33
N ILE A 251 35.74 13.28 -19.84
CA ILE A 251 36.88 12.67 -20.51
C ILE A 251 37.00 13.17 -21.95
N GLU A 252 35.88 13.29 -22.65
CA GLU A 252 35.91 13.77 -24.03
C GLU A 252 36.41 15.20 -24.10
N LYS A 253 36.09 16.02 -23.11
CA LYS A 253 36.53 17.41 -23.03
C LYS A 253 37.46 17.57 -21.84
N ALA A 254 38.63 16.93 -21.92
CA ALA A 254 39.61 16.95 -20.85
C ALA A 254 40.88 17.67 -21.32
N ASP A 255 41.63 18.18 -20.36
CA ASP A 255 42.86 18.91 -20.66
C ASP A 255 44.09 17.99 -20.64
N ASN A 256 44.41 17.44 -19.48
CA ASN A 256 45.62 16.63 -19.29
C ASN A 256 45.24 15.18 -18.98
N ALA A 257 46.26 14.39 -18.67
CA ALA A 257 46.05 12.98 -18.34
C ALA A 257 45.55 12.77 -16.92
N ALA A 258 45.67 13.78 -16.06
CA ALA A 258 45.18 13.64 -14.69
C ALA A 258 43.65 13.61 -14.66
N GLN A 259 43.00 14.55 -15.34
CA GLN A 259 41.55 14.56 -15.39
C GLN A 259 41.01 13.24 -15.95
N VAL A 260 41.73 12.65 -16.90
CA VAL A 260 41.28 11.39 -17.49
C VAL A 260 41.46 10.24 -16.50
N LYS A 261 42.63 10.18 -15.85
CA LYS A 261 42.87 9.11 -14.88
C LYS A 261 41.90 9.18 -13.71
N ASP A 262 41.45 10.39 -13.34
CA ASP A 262 40.57 10.52 -12.19
C ASP A 262 39.13 10.17 -12.54
N ALA A 263 38.65 10.63 -13.70
CA ALA A 263 37.29 10.30 -14.12
C ALA A 263 37.15 8.80 -14.35
N LEU A 264 38.08 8.22 -15.12
CA LEU A 264 38.05 6.77 -15.36
C LEU A 264 37.95 5.99 -14.06
N THR A 265 38.69 6.41 -13.03
CA THR A 265 38.60 5.76 -11.74
C THR A 265 37.19 5.88 -11.17
N LYS A 266 36.61 7.09 -11.22
CA LYS A 266 35.26 7.28 -10.74
C LYS A 266 34.27 6.46 -11.56
N MET A 267 34.47 6.41 -12.88
CA MET A 267 33.63 5.56 -13.72
C MET A 267 33.74 4.10 -13.30
N ARG A 268 34.97 3.58 -13.22
CA ARG A 268 35.15 2.19 -12.82
C ARG A 268 34.49 1.90 -11.48
N ALA A 269 34.37 2.91 -10.62
CA ALA A 269 33.64 2.74 -9.37
C ALA A 269 32.14 2.58 -9.64
N ALA A 270 31.58 3.44 -10.47
CA ALA A 270 30.15 3.37 -10.76
C ALA A 270 29.78 2.05 -11.43
N ALA A 271 30.53 1.66 -12.45
CA ALA A 271 30.25 0.41 -13.14
C ALA A 271 30.26 -0.76 -12.16
N LEU A 272 31.35 -0.90 -11.39
CA LEU A 272 31.42 -1.97 -10.41
C LEU A 272 30.26 -1.90 -9.43
N ASP A 273 29.94 -0.70 -8.93
CA ASP A 273 28.80 -0.55 -8.02
C ASP A 273 27.52 -1.00 -8.70
N ALA A 274 27.26 -0.51 -9.92
CA ALA A 274 26.06 -0.91 -10.64
C ALA A 274 26.04 -2.40 -10.93
N GLN A 275 27.21 -3.00 -11.18
CA GLN A 275 27.26 -4.41 -11.55
C GLN A 275 26.61 -5.28 -10.48
N LYS A 276 27.00 -5.08 -9.22
CA LYS A 276 26.44 -5.87 -8.12
C LYS A 276 25.09 -5.34 -7.65
N ALA A 277 24.62 -4.22 -8.21
CA ALA A 277 23.39 -3.59 -7.74
C ALA A 277 22.18 -3.88 -8.62
N THR A 278 22.37 -4.46 -9.81
CA THR A 278 21.29 -4.69 -10.76
C THR A 278 21.24 -6.17 -11.12
N PRO A 279 20.74 -7.02 -10.22
CA PRO A 279 20.51 -8.43 -10.56
C PRO A 279 19.27 -8.56 -11.42
N PRO A 280 19.33 -9.31 -12.53
CA PRO A 280 18.20 -9.38 -13.45
C PRO A 280 17.17 -10.43 -13.07
N LYS A 281 17.04 -10.72 -11.78
CA LYS A 281 16.01 -11.63 -11.26
C LYS A 281 16.24 -13.00 -11.91
N LEU A 282 15.24 -13.59 -12.56
CA LEU A 282 15.39 -14.90 -13.19
C LEU A 282 15.64 -15.99 -12.14
N PRO A 290 25.41 -18.47 -11.25
CA PRO A 290 25.85 -17.93 -12.55
C PRO A 290 25.49 -18.85 -13.72
N GLU A 291 24.35 -18.57 -14.35
CA GLU A 291 23.90 -19.37 -15.48
C GLU A 291 22.95 -18.54 -16.32
N MET A 292 23.28 -18.38 -17.60
CA MET A 292 22.43 -17.65 -18.55
C MET A 292 22.43 -16.15 -18.26
N LYS A 293 23.57 -15.62 -17.84
CA LYS A 293 23.73 -14.20 -17.53
C LYS A 293 24.72 -13.58 -18.52
N ASP A 294 24.18 -13.01 -19.60
CA ASP A 294 24.99 -12.18 -20.49
C ASP A 294 25.13 -10.80 -19.87
N PHE A 295 25.10 -10.75 -18.54
CA PHE A 295 25.11 -9.52 -17.76
C PHE A 295 26.47 -9.23 -17.16
N ARG A 296 27.08 -10.22 -16.48
CA ARG A 296 28.43 -10.03 -15.99
C ARG A 296 29.41 -9.77 -17.12
N HIS A 297 29.17 -10.36 -18.29
CA HIS A 297 30.03 -10.09 -19.44
C HIS A 297 29.96 -8.62 -19.85
N GLY A 298 28.76 -8.05 -19.82
CA GLY A 298 28.57 -6.66 -20.19
C GLY A 298 29.51 -5.71 -19.45
N PHE A 299 29.41 -5.70 -18.12
CA PHE A 299 30.28 -4.83 -17.33
C PHE A 299 31.75 -5.12 -17.59
N ASP A 300 32.10 -6.40 -17.71
CA ASP A 300 33.50 -6.75 -17.95
C ASP A 300 34.01 -6.27 -19.30
N ILE A 301 33.11 -5.99 -20.24
CA ILE A 301 33.51 -5.32 -21.48
C ILE A 301 33.70 -3.84 -21.24
N LEU A 302 32.85 -3.24 -20.41
CA LEU A 302 32.97 -1.82 -20.09
C LEU A 302 34.22 -1.55 -19.26
N VAL A 303 34.29 -2.16 -18.08
CA VAL A 303 35.46 -1.97 -17.22
C VAL A 303 36.73 -2.35 -17.97
N GLY A 304 36.66 -3.39 -18.81
CA GLY A 304 37.83 -3.77 -19.58
C GLY A 304 38.40 -2.64 -20.41
N GLN A 305 37.54 -1.72 -20.85
CA GLN A 305 37.99 -0.55 -21.60
C GLN A 305 38.31 0.64 -20.71
N ILE A 306 37.73 0.69 -19.50
CA ILE A 306 38.15 1.68 -18.52
C ILE A 306 39.59 1.43 -18.11
N ASP A 307 39.95 0.15 -17.91
CA ASP A 307 41.33 -0.18 -17.56
C ASP A 307 42.27 0.16 -18.71
N ASP A 308 41.91 -0.21 -19.94
CA ASP A 308 42.71 0.17 -21.09
C ASP A 308 42.85 1.68 -21.22
N ALA A 309 41.85 2.43 -20.73
CA ALA A 309 41.93 3.89 -20.77
C ALA A 309 42.82 4.42 -19.66
N LEU A 310 42.62 3.96 -18.43
CA LEU A 310 43.54 4.30 -17.35
C LEU A 310 44.97 3.98 -17.73
N LYS A 311 45.18 2.82 -18.35
CA LYS A 311 46.51 2.47 -18.85
C LYS A 311 46.98 3.50 -19.86
N LEU A 312 46.08 3.99 -20.72
CA LEU A 312 46.46 5.03 -21.67
C LEU A 312 46.77 6.34 -20.97
N ALA A 313 45.89 6.78 -20.06
CA ALA A 313 46.14 8.01 -19.32
C ALA A 313 47.40 7.89 -18.47
N ASN A 314 47.52 6.80 -17.73
CA ASN A 314 48.72 6.59 -16.93
C ASN A 314 49.98 6.64 -17.77
N GLU A 315 49.90 6.18 -19.02
CA GLU A 315 51.01 6.26 -19.96
C GLU A 315 51.14 7.64 -20.61
N GLY A 316 50.34 8.61 -20.18
CA GLY A 316 50.43 9.94 -20.75
C GLY A 316 49.93 10.06 -22.17
N LYS A 317 48.92 9.29 -22.54
CA LYS A 317 48.32 9.35 -23.88
C LYS A 317 46.90 9.87 -23.76
N VAL A 318 46.78 11.16 -23.47
CA VAL A 318 45.47 11.74 -23.17
C VAL A 318 44.55 11.69 -24.39
N LYS A 319 44.94 12.37 -25.47
CA LYS A 319 44.14 12.34 -26.68
C LYS A 319 43.83 10.91 -27.11
N GLU A 320 44.79 10.01 -26.91
CA GLU A 320 44.57 8.60 -27.23
C GLU A 320 43.67 7.92 -26.21
N ALA A 321 43.69 8.39 -24.96
CA ALA A 321 42.82 7.82 -23.95
C ALA A 321 41.39 8.31 -24.10
N GLN A 322 41.20 9.61 -24.33
CA GLN A 322 39.86 10.14 -24.53
C GLN A 322 39.21 9.62 -25.79
N ALA A 323 40.00 9.16 -26.76
CA ALA A 323 39.42 8.51 -27.93
C ALA A 323 38.69 7.22 -27.53
N ALA A 324 39.27 6.48 -26.58
CA ALA A 324 38.60 5.29 -26.06
C ALA A 324 37.39 5.63 -25.19
N ALA A 325 37.23 6.89 -24.79
CA ALA A 325 36.04 7.28 -24.05
C ALA A 325 34.80 7.23 -24.94
N GLU A 326 34.95 7.62 -26.22
CA GLU A 326 33.83 7.50 -27.15
C GLU A 326 33.41 6.05 -27.32
N GLN A 327 34.39 5.14 -27.38
CA GLN A 327 34.08 3.72 -27.43
C GLN A 327 33.25 3.30 -26.23
N LEU A 328 33.52 3.90 -25.06
CA LEU A 328 32.78 3.56 -23.86
C LEU A 328 31.32 3.96 -23.99
N LYS A 329 31.05 5.14 -24.54
CA LYS A 329 29.67 5.50 -24.86
C LYS A 329 29.01 4.41 -25.67
N THR A 330 29.65 4.00 -26.77
CA THR A 330 29.12 2.91 -27.58
C THR A 330 29.05 1.61 -26.78
N THR A 331 30.06 1.36 -25.94
CA THR A 331 30.05 0.15 -25.11
C THR A 331 28.95 0.23 -24.05
N ARG A 332 28.76 1.41 -23.45
CA ARG A 332 27.67 1.56 -22.49
C ARG A 332 26.32 1.36 -23.15
N ASN A 333 26.05 2.09 -24.23
CA ASN A 333 24.76 1.98 -24.90
C ASN A 333 24.50 0.55 -25.37
N ALA A 334 25.55 -0.15 -25.80
CA ALA A 334 25.37 -1.47 -26.40
C ALA A 334 25.05 -2.53 -25.36
N TYR A 335 25.88 -2.64 -24.33
CA TYR A 335 25.79 -3.75 -23.37
C TYR A 335 25.03 -3.40 -22.10
N ILE A 336 25.27 -2.23 -21.52
CA ILE A 336 24.80 -1.90 -20.18
C ILE A 336 23.51 -1.10 -20.20
N GLN A 337 23.36 -0.18 -21.15
CA GLN A 337 22.18 0.68 -21.18
C GLN A 337 20.89 -0.11 -21.03
N LYS A 338 20.85 -1.33 -21.56
CA LYS A 338 19.65 -2.15 -21.45
C LYS A 338 19.29 -2.43 -20.01
N TYR A 339 20.28 -2.82 -19.20
CA TYR A 339 20.00 -3.21 -17.83
C TYR A 339 19.85 -2.00 -16.91
N LEU A 340 20.65 -0.96 -17.12
CA LEU A 340 20.49 0.27 -16.34
C LEU A 340 19.04 0.73 -16.33
N GLU A 341 18.42 0.75 -17.52
CA GLU A 341 17.05 1.24 -17.62
C GLU A 341 16.06 0.22 -17.06
N ARG A 342 16.27 -1.07 -17.35
CA ARG A 342 15.36 -2.10 -16.85
C ARG A 342 15.32 -2.10 -15.32
N ALA A 343 16.47 -1.84 -14.68
CA ALA A 343 16.51 -1.83 -13.23
C ALA A 343 15.85 -0.57 -12.66
N ARG A 344 16.19 0.60 -13.21
CA ARG A 344 15.61 1.85 -12.71
C ARG A 344 14.10 1.84 -12.82
N SER A 345 13.55 1.09 -13.78
CA SER A 345 12.10 1.01 -13.92
C SER A 345 11.49 0.13 -12.84
N THR A 346 12.06 -1.05 -12.62
CA THR A 346 11.51 -1.97 -11.63
C THR A 346 11.45 -1.35 -10.25
N LEU A 347 12.39 -0.46 -9.93
CA LEU A 347 12.40 0.18 -8.62
C LEU A 347 11.38 1.31 -8.53
N GLN A 348 11.23 2.08 -9.61
CA GLN A 348 10.20 3.12 -9.62
C GLN A 348 8.82 2.54 -9.37
N LYS A 349 8.61 1.26 -9.70
CA LYS A 349 7.36 0.59 -9.38
C LYS A 349 7.33 0.12 -7.93
N GLU A 350 8.47 -0.39 -7.44
CA GLU A 350 8.54 -0.79 -6.03
C GLU A 350 8.24 0.40 -5.11
N VAL A 351 8.86 1.55 -5.40
CA VAL A 351 8.66 2.72 -4.56
C VAL A 351 7.21 3.19 -4.65
N HIS A 352 6.69 3.33 -5.87
CA HIS A 352 5.33 3.85 -6.03
C HIS A 352 4.30 2.89 -5.45
N ALA A 353 4.53 1.58 -5.58
CA ALA A 353 3.58 0.61 -5.06
C ALA A 353 3.67 0.50 -3.54
N ALA A 354 4.87 0.27 -3.01
CA ALA A 354 5.05 0.19 -1.57
C ALA A 354 4.61 1.49 -0.90
N LYS A 355 5.03 2.63 -1.46
CA LYS A 355 4.61 3.91 -0.92
C LYS A 355 3.09 4.03 -0.92
N SER A 356 2.46 3.70 -2.05
CA SER A 356 1.01 3.71 -2.11
C SER A 356 0.41 2.78 -1.05
N LEU A 357 0.75 1.49 -1.12
CA LEU A 357 0.21 0.54 -0.16
C LEU A 357 0.55 0.93 1.26
N ALA A 358 1.75 1.50 1.47
CA ALA A 358 2.13 1.95 2.80
C ALA A 358 1.20 3.08 3.27
N ILE A 359 0.84 3.98 2.37
CA ILE A 359 -0.05 5.08 2.73
C ILE A 359 -1.43 4.55 3.07
N ILE A 360 -1.98 3.69 2.21
CA ILE A 360 -3.28 3.08 2.49
C ILE A 360 -3.27 2.45 3.87
N VAL A 361 -2.34 1.51 4.09
CA VAL A 361 -2.24 0.86 5.40
C VAL A 361 -1.85 1.88 6.47
N GLY A 362 -1.03 2.88 6.09
CA GLY A 362 -0.66 3.90 7.06
C GLY A 362 -1.87 4.63 7.62
N LEU A 363 -2.75 5.09 6.74
CA LEU A 363 -3.94 5.79 7.20
C LEU A 363 -4.90 4.83 7.89
N PHE A 364 -5.07 3.62 7.37
CA PHE A 364 -5.93 2.65 8.02
C PHE A 364 -5.50 2.43 9.47
N ALA A 365 -4.20 2.33 9.71
CA ALA A 365 -3.71 2.17 11.08
C ALA A 365 -3.81 3.48 11.87
N LEU A 366 -3.69 4.61 11.20
CA LEU A 366 -3.78 5.91 11.86
C LEU A 366 -5.20 6.27 12.24
N CYS A 367 -6.21 5.67 11.59
CA CYS A 367 -7.60 5.96 11.90
C CYS A 367 -8.19 5.01 12.93
N TRP A 368 -7.84 3.72 12.86
CA TRP A 368 -8.42 2.71 13.73
C TRP A 368 -7.63 2.49 15.02
N LEU A 369 -6.52 3.20 15.21
CA LEU A 369 -5.72 2.99 16.42
C LEU A 369 -6.32 3.74 17.60
N PRO A 370 -6.58 5.05 17.49
CA PRO A 370 -7.15 5.78 18.63
C PRO A 370 -8.33 5.07 19.27
N LEU A 371 -9.22 4.50 18.48
CA LEU A 371 -10.36 3.78 19.04
C LEU A 371 -9.92 2.49 19.73
N HIS A 372 -8.85 1.87 19.25
CA HIS A 372 -8.32 0.69 19.92
C HIS A 372 -7.44 1.04 21.11
N ILE A 373 -6.72 2.16 21.04
CA ILE A 373 -5.90 2.59 22.17
C ILE A 373 -6.79 2.91 23.38
N ILE A 374 -7.91 3.61 23.13
CA ILE A 374 -8.86 3.89 24.21
C ILE A 374 -9.34 2.59 24.84
N ASN A 375 -9.80 1.64 24.01
CA ASN A 375 -10.28 0.37 24.53
C ASN A 375 -9.20 -0.36 25.32
N CYS A 376 -7.93 -0.08 25.03
CA CYS A 376 -6.84 -0.66 25.82
C CYS A 376 -6.62 0.11 27.11
N PHE A 377 -6.48 1.44 27.01
CA PHE A 377 -6.35 2.26 28.20
C PHE A 377 -7.56 2.14 29.12
N THR A 378 -8.70 1.68 28.60
CA THR A 378 -9.89 1.45 29.41
C THR A 378 -9.90 0.08 30.05
N PHE A 379 -9.37 -0.94 29.37
CA PHE A 379 -9.43 -2.30 29.90
C PHE A 379 -8.27 -2.58 30.86
N PHE A 380 -7.05 -2.20 30.50
CA PHE A 380 -5.90 -2.46 31.34
C PHE A 380 -5.85 -1.57 32.57
N CYS A 381 -6.57 -0.46 32.58
CA CYS A 381 -6.67 0.43 33.74
C CYS A 381 -8.14 0.67 34.05
N PRO A 382 -8.86 -0.35 34.55
CA PRO A 382 -10.24 -0.12 34.99
C PRO A 382 -10.35 0.94 36.08
N ASP A 383 -9.25 1.25 36.77
CA ASP A 383 -9.24 2.34 37.73
C ASP A 383 -9.19 3.71 37.06
N CYS A 384 -8.75 3.78 35.81
CA CYS A 384 -8.79 5.04 35.08
C CYS A 384 -10.22 5.37 34.68
N SER A 385 -10.54 6.67 34.72
CA SER A 385 -11.85 7.12 34.29
C SER A 385 -12.05 6.82 32.81
N HIS A 386 -13.19 6.20 32.48
CA HIS A 386 -13.48 5.88 31.09
C HIS A 386 -13.32 7.10 30.21
N ALA A 387 -12.75 6.90 29.03
CA ALA A 387 -12.53 7.99 28.10
C ALA A 387 -13.83 8.77 27.89
N PRO A 388 -13.80 10.10 27.94
CA PRO A 388 -15.03 10.87 27.79
C PRO A 388 -15.70 10.61 26.46
N LEU A 389 -17.01 10.88 26.41
CA LEU A 389 -17.74 10.69 25.17
C LEU A 389 -17.20 11.60 24.06
N TRP A 390 -16.91 12.86 24.39
CA TRP A 390 -16.38 13.78 23.38
C TRP A 390 -15.10 13.22 22.76
N LEU A 391 -14.34 12.42 23.52
CA LEU A 391 -13.21 11.72 22.94
C LEU A 391 -13.65 10.41 22.30
N MET A 392 -14.56 9.67 22.96
CA MET A 392 -15.05 8.43 22.39
C MET A 392 -15.73 8.68 21.04
N TYR A 393 -16.61 9.68 20.98
CA TYR A 393 -17.22 10.06 19.71
C TYR A 393 -16.16 10.37 18.67
N LEU A 394 -15.18 11.21 19.03
CA LEU A 394 -14.12 11.56 18.09
C LEU A 394 -13.36 10.32 17.61
N ALA A 395 -13.25 9.30 18.47
CA ALA A 395 -12.59 8.07 18.06
C ALA A 395 -13.46 7.26 17.11
N ILE A 396 -14.78 7.29 17.29
CA ILE A 396 -15.67 6.59 16.38
C ILE A 396 -15.73 7.30 15.04
N VAL A 397 -15.81 8.64 15.05
CA VAL A 397 -15.92 9.40 13.81
C VAL A 397 -14.69 9.18 12.95
N LEU A 398 -13.50 9.22 13.56
CA LEU A 398 -12.27 9.03 12.79
C LEU A 398 -12.27 7.70 12.06
N SER A 399 -12.68 6.62 12.73
CA SER A 399 -12.68 5.31 12.09
C SER A 399 -13.53 5.30 10.83
N HIS A 400 -14.59 6.09 10.79
CA HIS A 400 -15.44 6.16 9.60
C HIS A 400 -14.73 6.84 8.44
N THR A 401 -13.68 7.62 8.70
CA THR A 401 -13.00 8.35 7.64
C THR A 401 -12.13 7.45 6.78
N ASN A 402 -11.57 6.39 7.37
CA ASN A 402 -10.71 5.49 6.60
C ASN A 402 -11.39 5.03 5.32
N SER A 403 -12.71 4.87 5.36
CA SER A 403 -13.47 4.42 4.20
C SER A 403 -13.74 5.58 3.25
N VAL A 404 -12.97 6.65 3.39
CA VAL A 404 -13.14 7.84 2.55
C VAL A 404 -11.82 8.19 1.89
N VAL A 405 -10.71 7.93 2.58
CA VAL A 405 -9.41 8.35 2.06
C VAL A 405 -8.97 7.47 0.91
N ASN A 406 -9.31 6.17 0.97
CA ASN A 406 -8.88 5.20 -0.03
C ASN A 406 -9.10 5.73 -1.43
N PRO A 407 -10.31 6.17 -1.77
CA PRO A 407 -10.51 6.78 -3.09
C PRO A 407 -9.63 7.99 -3.32
N PHE A 408 -9.47 8.85 -2.32
CA PHE A 408 -8.59 10.02 -2.48
C PHE A 408 -7.15 9.60 -2.70
N ILE A 409 -6.67 8.61 -1.93
CA ILE A 409 -5.33 8.09 -2.15
C ILE A 409 -5.18 7.61 -3.59
N TYR A 410 -6.10 6.78 -4.05
CA TYR A 410 -6.06 6.30 -5.42
C TYR A 410 -6.06 7.46 -6.42
N ALA A 411 -6.74 8.56 -6.07
CA ALA A 411 -6.76 9.73 -6.95
C ALA A 411 -5.44 10.49 -6.92
N TYR A 412 -4.74 10.47 -5.79
CA TYR A 412 -3.44 11.12 -5.67
C TYR A 412 -2.27 10.23 -6.08
N ARG A 413 -2.51 8.93 -6.26
CA ARG A 413 -1.45 8.00 -6.60
C ARG A 413 -1.68 7.33 -7.96
N ILE A 414 -2.75 6.56 -8.11
CA ILE A 414 -3.02 5.83 -9.34
C ILE A 414 -3.41 6.84 -10.42
N ARG A 415 -2.53 7.04 -11.40
CA ARG A 415 -2.82 7.97 -12.48
C ARG A 415 -3.89 7.41 -13.41
N GLU A 416 -3.87 6.11 -13.66
CA GLU A 416 -4.88 5.49 -14.52
C GLU A 416 -6.28 5.78 -13.99
N PHE A 417 -6.51 5.50 -12.71
CA PHE A 417 -7.82 5.78 -12.11
C PHE A 417 -8.18 7.26 -12.23
N ARG A 418 -7.19 8.14 -12.28
CA ARG A 418 -7.44 9.57 -12.29
C ARG A 418 -8.20 9.99 -13.55
N GLN A 419 -7.53 9.95 -14.70
CA GLN A 419 -8.14 10.28 -15.98
C GLN A 419 -8.97 9.14 -16.56
N THR A 420 -9.51 8.26 -15.72
CA THR A 420 -10.28 7.13 -16.20
C THR A 420 -11.62 7.54 -16.78
N PHE A 421 -12.14 8.72 -16.42
CA PHE A 421 -13.40 9.17 -16.99
C PHE A 421 -13.22 9.55 -18.46
N ARG A 422 -12.23 10.38 -18.76
CA ARG A 422 -11.93 10.70 -20.16
C ARG A 422 -11.61 9.46 -20.95
N LYS A 423 -11.07 8.43 -20.29
CA LYS A 423 -10.78 7.17 -20.98
C LYS A 423 -12.06 6.39 -21.27
N ILE A 424 -13.02 6.43 -20.36
CA ILE A 424 -14.30 5.76 -20.61
C ILE A 424 -15.05 6.46 -21.74
N ILE A 425 -15.03 7.79 -21.75
CA ILE A 425 -15.69 8.54 -22.81
C ILE A 425 -15.08 8.19 -24.17
N ARG A 426 -13.75 8.31 -24.28
CA ARG A 426 -13.08 8.02 -25.54
C ARG A 426 -13.32 6.58 -25.97
N SER A 427 -13.33 5.65 -25.01
CA SER A 427 -13.60 4.25 -25.33
C SER A 427 -14.99 4.07 -25.95
N HIS A 428 -15.91 5.00 -25.70
CA HIS A 428 -17.26 4.91 -26.24
C HIS A 428 -17.38 5.64 -27.58
N VAL A 429 -16.80 6.84 -27.68
CA VAL A 429 -16.86 7.58 -28.95
C VAL A 429 -16.10 6.84 -30.03
N LEU A 430 -15.10 6.04 -29.67
CA LEU A 430 -14.37 5.27 -30.67
C LEU A 430 -15.23 4.15 -31.25
N ARG A 431 -16.15 3.60 -30.46
CA ARG A 431 -17.04 2.55 -30.94
C ARG A 431 -18.12 3.14 -31.84
N GLN A 432 -17.73 4.05 -32.73
CA GLN A 432 -18.67 4.70 -33.63
C GLN A 432 -18.17 4.80 -35.06
N GLN A 433 -16.95 4.37 -35.36
CA GLN A 433 -16.45 4.33 -36.73
C GLN A 433 -15.64 3.06 -36.98
O20 EDT B . -0.41 -1.34 -5.37
C5 EDT B . -0.81 -0.19 -5.77
O19 EDT B . -1.79 0.34 -5.19
C4 EDT B . -0.13 0.50 -6.93
N3 EDT B . -0.83 0.23 -8.14
C2 EDT B . -1.35 -1.11 -8.07
C1 EDT B . -2.55 -1.28 -9.02
O18 EDT B . -3.62 -1.79 -8.58
O17 EDT B . -2.46 -0.90 -10.23
C6 EDT B . 0.07 0.34 -9.27
C7 EDT B . -0.26 1.56 -10.14
N8 EDT B . -1.38 1.29 -11.02
C9 EDT B . -1.96 2.57 -11.48
C10 EDT B . -1.05 3.21 -12.48
O16 EDT B . -0.03 3.84 -12.10
O15 EDT B . -1.32 3.15 -13.70
C11 EDT B . -0.94 0.54 -12.20
C12 EDT B . -2.17 0.14 -13.04
O13 EDT B . -3.29 -0.10 -12.46
O14 EDT B . -2.08 0.05 -14.29
O1 MES C . -15.82 6.71 -13.60
C2 MES C . -14.68 6.01 -13.10
C3 MES C . -14.19 6.62 -11.81
N4 MES C . -14.05 8.06 -11.98
C5 MES C . -15.15 8.81 -12.58
C6 MES C . -15.52 8.08 -13.87
C7 MES C . -13.32 8.75 -10.92
C8 MES C . -12.59 9.93 -11.55
S MES C . -11.94 10.85 -10.32
O1S MES C . -10.82 11.66 -10.83
O2S MES C . -13.00 11.75 -9.78
O3S MES C . -11.47 9.96 -9.24
C11 8D1 D . -19.13 2.18 20.35
C13 8D1 D . -17.82 1.59 20.16
C16 8D1 D . -15.33 -0.10 18.43
C17 8D1 D . -13.95 -0.32 18.69
C18 8D1 D . -13.14 -0.96 17.75
C19 8D1 D . -13.69 -1.41 16.54
C20 8D1 D . -15.05 -1.20 16.26
C21 8D1 D . -15.63 -1.62 14.93
C22 8D1 D . -15.86 -0.55 17.20
C24 8D1 D . -16.77 1.52 21.13
C01 8D1 D . -20.26 6.90 22.70
O02 8D1 D . -19.45 6.69 21.56
C03 8D1 D . -20.10 6.32 20.42
C04 8D1 D . -20.12 7.25 19.36
C05 8D1 D . -20.71 6.94 18.13
C06 8D1 D . -21.28 5.67 17.95
C07 8D1 D . -21.28 4.73 19.00
C08 8D1 D . -20.69 5.05 20.24
C09 8D1 D . -20.58 3.97 21.30
N10 8D1 D . -19.33 3.23 21.18
N12 8D1 D . -20.16 1.68 19.65
N14 8D1 D . -17.40 1.01 19.06
N15 8D1 D . -16.14 0.60 19.37
N23 8D1 D . -15.73 0.92 20.63
N25 8D1 D . -16.81 2.00 22.45
#